data_6UPC
#
_entry.id   6UPC
#
_cell.length_a   46.525
_cell.length_b   52.639
_cell.length_c   107.053
_cell.angle_alpha   90.000
_cell.angle_beta   99.230
_cell.angle_gamma   90.000
#
_symmetry.space_group_name_H-M   'P 1 21 1'
#
loop_
_entity.id
_entity.type
_entity.pdbx_description
1 polymer 'Trehalose-phosphate phosphatase'
2 non-polymer 'MAGNESIUM ION'
3 non-polymer 'alpha-D-glucopyranosyl 6-O-sulfo-alpha-D-glucopyranoside'
4 water water
#
_entity_poly.entity_id   1
_entity_poly.type   'polypeptide(L)'
_entity_poly.pdbx_seq_one_letter_code
;MAEPLTVSPELTANYAYFFDLDGTLAEIKPHPDQVVVPHKILQLLDRLAAHNAGALALISGRSMTELDALAKPFRFPLAG
VHGAERRDINGKTHIVRLPEAVVREVEALLRSTLVALPGTELESKGMAFALHYRQAPEHEAALLALAQHVTQHWPQLALQ
LGKCVVEIKPKGTNKGEAIAAFMQEAPFAGRIPVFVGDDLTDEAGFGVVNHAGGISVKVGVGATQAAWRLESVPDVWRWL
EQINYPQQEQQVMNNRRDGYESFSRSI
;
_entity_poly.pdbx_strand_id   A,B
#
# COMPACT_ATOMS: atom_id res chain seq x y z
N MET A 1 25.63 27.03 17.23
CA MET A 1 24.46 27.50 17.95
C MET A 1 23.26 26.54 17.86
N ALA A 2 23.36 25.52 17.01
CA ALA A 2 22.27 24.54 16.88
C ALA A 2 22.14 23.69 18.14
N GLU A 3 20.89 23.51 18.62
CA GLU A 3 20.64 22.71 19.81
C GLU A 3 20.27 21.28 19.43
N PRO A 4 20.62 20.31 20.27
CA PRO A 4 20.24 18.91 19.97
C PRO A 4 18.73 18.79 19.83
N LEU A 5 18.30 18.12 18.77
CA LEU A 5 16.86 18.01 18.49
C LEU A 5 16.21 17.05 19.48
N THR A 6 15.20 17.53 20.19
CA THR A 6 14.40 16.72 21.11
C THR A 6 12.90 16.80 20.80
N VAL A 7 12.48 17.45 19.70
CA VAL A 7 11.07 17.40 19.33
C VAL A 7 10.86 16.13 18.51
N SER A 8 9.90 15.31 18.93
CA SER A 8 9.44 14.16 18.15
C SER A 8 7.98 14.44 17.87
N PRO A 9 7.62 14.84 16.67
CA PRO A 9 6.22 15.19 16.41
C PRO A 9 5.30 14.01 16.65
N GLU A 10 4.06 14.30 17.03
CA GLU A 10 3.07 13.23 17.05
C GLU A 10 2.81 12.86 15.61
N LEU A 11 2.44 11.59 15.39
CA LEU A 11 2.30 11.09 14.03
C LEU A 11 1.34 11.96 13.21
N THR A 12 0.28 12.47 13.83
CA THR A 12 -0.72 13.24 13.11
C THR A 12 -0.82 14.69 13.55
N ALA A 13 0.29 15.44 13.52
CA ALA A 13 0.27 16.86 13.82
C ALA A 13 0.14 17.65 12.50
N ASN A 14 0.31 18.96 12.57
CA ASN A 14 0.18 19.83 11.39
C ASN A 14 1.53 20.18 10.77
N TYR A 15 2.37 19.17 10.53
CA TYR A 15 3.70 19.39 9.97
C TYR A 15 3.74 19.00 8.49
N ALA A 16 4.61 19.69 7.76
CA ALA A 16 4.98 19.32 6.40
C ALA A 16 6.46 18.94 6.42
N TYR A 17 6.77 17.75 5.93
CA TYR A 17 8.11 17.17 6.10
C TYR A 17 8.90 17.28 4.80
N PHE A 18 10.17 17.65 4.94
CA PHE A 18 11.10 17.72 3.82
C PHE A 18 12.39 17.02 4.23
N PHE A 19 12.82 16.06 3.42
CA PHE A 19 13.98 15.25 3.75
C PHE A 19 15.01 15.30 2.63
N ASP A 20 16.23 15.64 2.99
CA ASP A 20 17.37 15.41 2.12
C ASP A 20 17.59 13.89 1.97
N LEU A 21 18.43 13.52 1.00
CA LEU A 21 18.70 12.09 0.86
C LEU A 21 20.11 11.73 1.31
N ASP A 22 21.09 11.96 0.44
CA ASP A 22 22.46 11.54 0.75
C ASP A 22 22.96 12.25 2.00
N GLY A 23 23.49 11.46 2.93
CA GLY A 23 23.94 12.00 4.19
C GLY A 23 22.84 12.27 5.20
N THR A 24 21.58 12.07 4.82
CA THR A 24 20.44 12.32 5.70
C THR A 24 19.62 11.06 5.93
N LEU A 25 19.05 10.48 4.88
CA LEU A 25 18.28 9.24 4.95
C LEU A 25 19.10 8.01 4.61
N ALA A 26 20.23 8.16 3.92
CA ALA A 26 21.11 7.07 3.57
C ALA A 26 22.55 7.47 3.86
N GLU A 27 23.37 6.49 4.23
CA GLU A 27 24.74 6.76 4.61
C GLU A 27 25.60 7.09 3.40
N ILE A 28 26.63 7.91 3.64
CA ILE A 28 27.56 8.28 2.59
C ILE A 28 28.31 7.04 2.11
N LYS A 29 28.45 6.90 0.80
CA LYS A 29 29.13 5.78 0.19
C LYS A 29 30.18 6.31 -0.78
N PRO A 30 31.20 5.53 -1.10
CA PRO A 30 32.22 6.02 -2.03
C PRO A 30 31.68 6.36 -3.41
N HIS A 31 30.60 5.70 -3.86
CA HIS A 31 30.01 5.99 -5.17
C HIS A 31 28.49 6.01 -5.02
N PRO A 32 27.80 6.89 -5.76
CA PRO A 32 26.36 7.05 -5.56
C PRO A 32 25.54 5.78 -5.79
N ASP A 33 25.99 4.88 -6.66
CA ASP A 33 25.21 3.68 -6.92
C ASP A 33 25.24 2.69 -5.77
N GLN A 34 26.11 2.89 -4.78
CA GLN A 34 26.18 1.99 -3.64
C GLN A 34 25.25 2.43 -2.52
N VAL A 35 24.59 3.57 -2.68
CA VAL A 35 23.72 4.13 -1.65
C VAL A 35 22.41 3.38 -1.63
N VAL A 36 21.89 3.13 -0.43
CA VAL A 36 20.60 2.47 -0.25
C VAL A 36 19.89 3.13 0.93
N VAL A 37 18.60 3.43 0.75
CA VAL A 37 17.72 3.80 1.85
C VAL A 37 17.01 2.52 2.30
N PRO A 38 17.24 2.03 3.53
CA PRO A 38 16.68 0.73 3.93
C PRO A 38 15.16 0.70 3.77
N HIS A 39 14.64 -0.50 3.50
CA HIS A 39 13.22 -0.64 3.23
C HIS A 39 12.37 -0.18 4.39
N LYS A 40 12.80 -0.47 5.63
CA LYS A 40 12.05 -0.04 6.81
C LYS A 40 11.95 1.47 6.88
N ILE A 41 13.02 2.17 6.51
CA ILE A 41 13.02 3.63 6.54
C ILE A 41 12.02 4.17 5.54
N LEU A 42 11.92 3.55 4.36
CA LEU A 42 10.97 4.01 3.36
C LEU A 42 9.53 3.78 3.82
N GLN A 43 9.25 2.63 4.44
CA GLN A 43 7.92 2.39 4.99
C GLN A 43 7.58 3.44 6.04
N LEU A 44 8.54 3.79 6.89
CA LEU A 44 8.32 4.83 7.89
C LEU A 44 8.06 6.19 7.24
N LEU A 45 8.81 6.51 6.18
CA LEU A 45 8.57 7.76 5.45
C LEU A 45 7.20 7.74 4.78
N ASP A 46 6.82 6.60 4.21
CA ASP A 46 5.51 6.50 3.56
C ASP A 46 4.40 6.57 4.59
N ARG A 47 4.61 5.97 5.78
CA ARG A 47 3.58 6.03 6.81
C ARG A 47 3.48 7.42 7.41
N LEU A 48 4.61 8.12 7.53
CA LEU A 48 4.58 9.50 8.00
C LEU A 48 3.85 10.40 7.02
N ALA A 49 4.07 10.21 5.72
CA ALA A 49 3.38 11.02 4.71
C ALA A 49 1.87 10.78 4.73
N ALA A 50 1.46 9.52 4.86
CA ALA A 50 0.04 9.21 4.78
C ALA A 50 -0.75 9.82 5.93
N HIS A 51 -0.13 9.93 7.11
CA HIS A 51 -0.79 10.51 8.28
C HIS A 51 -0.72 12.03 8.30
N ASN A 52 -0.17 12.65 7.26
CA ASN A 52 -0.07 14.09 7.16
C ASN A 52 -0.50 14.56 5.78
N ALA A 53 -1.57 13.94 5.26
CA ALA A 53 -2.21 14.29 3.99
C ALA A 53 -1.26 14.18 2.79
N GLY A 54 -0.14 13.49 2.93
CA GLY A 54 0.84 13.40 1.87
C GLY A 54 1.84 14.53 1.80
N ALA A 55 1.94 15.35 2.85
CA ALA A 55 2.85 16.50 2.86
C ALA A 55 4.25 16.08 3.29
N LEU A 56 4.88 15.26 2.44
CA LEU A 56 6.24 14.80 2.68
C LEU A 56 6.97 14.74 1.33
N ALA A 57 8.14 15.37 1.27
CA ALA A 57 8.88 15.45 0.02
C ALA A 57 10.35 15.17 0.26
N LEU A 58 11.01 14.65 -0.78
CA LEU A 58 12.45 14.47 -0.77
C LEU A 58 13.06 15.61 -1.57
N ILE A 59 13.97 16.36 -0.95
CA ILE A 59 14.58 17.55 -1.54
C ILE A 59 16.06 17.23 -1.68
N SER A 60 16.50 16.86 -2.88
CA SER A 60 17.83 16.30 -3.05
C SER A 60 18.58 16.98 -4.19
N GLY A 61 19.90 16.81 -4.18
CA GLY A 61 20.66 17.21 -5.35
C GLY A 61 20.67 16.21 -6.48
N ARG A 62 20.26 14.98 -6.20
CA ARG A 62 20.22 13.97 -7.26
C ARG A 62 19.10 14.29 -8.25
N SER A 63 19.21 13.68 -9.43
CA SER A 63 18.13 13.71 -10.40
C SER A 63 16.92 12.92 -9.88
N MET A 64 15.73 13.31 -10.34
CA MET A 64 14.51 12.64 -9.87
C MET A 64 14.46 11.16 -10.25
N THR A 65 15.04 10.79 -11.40
CA THR A 65 15.08 9.37 -11.76
C THR A 65 15.87 8.55 -10.74
N GLU A 66 17.00 9.08 -10.25
CA GLU A 66 17.76 8.37 -9.21
C GLU A 66 17.00 8.32 -7.90
N LEU A 67 16.24 9.37 -7.57
CA LEU A 67 15.46 9.35 -6.34
C LEU A 67 14.36 8.30 -6.39
N ASP A 68 13.71 8.16 -7.55
CA ASP A 68 12.68 7.14 -7.71
C ASP A 68 13.27 5.74 -7.61
N ALA A 69 14.53 5.56 -8.04
CA ALA A 69 15.19 4.28 -7.88
C ALA A 69 15.49 3.99 -6.41
N LEU A 70 15.96 4.99 -5.68
CA LEU A 70 16.29 4.80 -4.26
C LEU A 70 15.05 4.60 -3.41
N ALA A 71 13.92 5.20 -3.79
CA ALA A 71 12.70 5.15 -2.99
C ALA A 71 11.74 4.05 -3.41
N LYS A 72 12.10 3.26 -4.42
CA LYS A 72 11.20 2.23 -4.92
C LYS A 72 10.84 1.25 -3.80
N PRO A 73 9.57 0.83 -3.70
CA PRO A 73 8.45 1.06 -4.63
C PRO A 73 7.64 2.32 -4.38
N PHE A 74 8.13 3.23 -3.54
CA PHE A 74 7.35 4.40 -3.19
C PHE A 74 7.66 5.56 -4.12
N ARG A 75 6.66 6.42 -4.31
CA ARG A 75 6.77 7.58 -5.18
C ARG A 75 6.32 8.80 -4.38
N PHE A 76 7.27 9.65 -4.06
CA PHE A 76 7.04 10.82 -3.25
C PHE A 76 7.07 12.07 -4.12
N PRO A 77 6.51 13.17 -3.64
CA PRO A 77 6.84 14.46 -4.25
C PRO A 77 8.34 14.69 -4.10
N LEU A 78 8.96 15.24 -5.15
CA LEU A 78 10.40 15.35 -5.18
C LEU A 78 10.83 16.74 -5.63
N ALA A 79 12.06 17.07 -5.24
CA ALA A 79 12.81 18.16 -5.83
C ALA A 79 14.17 17.56 -6.15
N GLY A 80 14.52 17.55 -7.44
CA GLY A 80 15.81 17.07 -7.86
C GLY A 80 16.73 18.19 -8.27
N VAL A 81 18.03 17.88 -8.33
CA VAL A 81 19.05 18.81 -8.80
C VAL A 81 18.93 20.15 -8.09
N HIS A 82 18.84 20.10 -6.76
CA HIS A 82 18.84 21.29 -5.91
C HIS A 82 17.67 22.23 -6.20
N GLY A 83 16.61 21.74 -6.82
CA GLY A 83 15.44 22.56 -7.13
C GLY A 83 15.18 22.73 -8.62
N ALA A 84 16.15 22.44 -9.48
CA ALA A 84 15.96 22.58 -10.93
C ALA A 84 14.98 21.55 -11.49
N GLU A 85 14.72 20.46 -10.77
CA GLU A 85 13.66 19.52 -11.08
C GLU A 85 12.73 19.40 -9.88
N ARG A 86 11.44 19.34 -10.12
CA ARG A 86 10.48 19.20 -9.04
C ARG A 86 9.24 18.47 -9.54
N ARG A 87 8.67 17.62 -8.69
CA ARG A 87 7.44 16.91 -9.02
C ARG A 87 6.48 17.07 -7.86
N ASP A 88 5.34 17.71 -8.11
CA ASP A 88 4.37 18.04 -7.06
C ASP A 88 3.52 16.83 -6.72
N ILE A 89 2.54 17.03 -5.84
CA ILE A 89 1.76 15.91 -5.33
C ILE A 89 0.94 15.25 -6.43
N ASN A 90 0.63 15.97 -7.51
CA ASN A 90 -0.16 15.42 -8.61
C ASN A 90 0.68 14.73 -9.66
N GLY A 91 2.00 14.66 -9.47
CA GLY A 91 2.87 14.05 -10.46
C GLY A 91 3.34 15.01 -11.53
N LYS A 92 2.85 16.25 -11.52
CA LYS A 92 3.26 17.25 -12.50
C LYS A 92 4.69 17.70 -12.22
N THR A 93 5.53 17.67 -13.24
CA THR A 93 6.94 18.02 -13.10
C THR A 93 7.18 19.46 -13.54
N HIS A 94 8.16 20.09 -12.90
CA HIS A 94 8.59 21.45 -13.21
C HIS A 94 10.10 21.41 -13.42
N ILE A 95 10.54 21.69 -14.64
CA ILE A 95 11.94 21.50 -15.03
C ILE A 95 12.51 22.81 -15.56
N VAL A 96 13.68 23.19 -15.06
CA VAL A 96 14.44 24.32 -15.58
C VAL A 96 15.17 23.87 -16.83
N ARG A 97 15.02 24.61 -17.92
CA ARG A 97 15.61 24.26 -19.21
C ARG A 97 16.76 25.20 -19.52
N LEU A 98 17.94 24.64 -19.78
CA LEU A 98 19.07 25.41 -20.28
C LEU A 98 19.14 25.30 -21.79
N PRO A 99 19.75 26.28 -22.46
CA PRO A 99 19.98 26.14 -23.91
C PRO A 99 20.89 24.94 -24.20
N GLU A 100 20.56 24.22 -25.27
CA GLU A 100 21.33 23.04 -25.62
C GLU A 100 22.78 23.38 -25.94
N ALA A 101 23.02 24.60 -26.44
CA ALA A 101 24.39 25.02 -26.73
C ALA A 101 25.21 25.16 -25.45
N VAL A 102 24.59 25.57 -24.35
CA VAL A 102 25.34 25.79 -23.13
C VAL A 102 25.76 24.46 -22.50
N VAL A 103 24.81 23.52 -22.41
CA VAL A 103 25.10 22.21 -21.81
C VAL A 103 26.14 21.46 -22.63
N ARG A 104 26.03 21.52 -23.96
CA ARG A 104 26.98 20.83 -24.83
C ARG A 104 28.37 21.43 -24.67
N GLU A 105 28.46 22.75 -24.54
CA GLU A 105 29.75 23.42 -24.48
C GLU A 105 30.43 23.19 -23.14
N VAL A 106 29.67 23.24 -22.04
CA VAL A 106 30.25 23.14 -20.71
C VAL A 106 30.67 21.71 -20.40
N GLU A 107 29.94 20.72 -20.91
CA GLU A 107 30.37 19.34 -20.72
C GLU A 107 31.65 19.03 -21.50
N ALA A 108 31.81 19.60 -22.69
CA ALA A 108 33.04 19.38 -23.44
C ALA A 108 34.24 20.00 -22.72
N LEU A 109 34.06 21.17 -22.12
CA LEU A 109 35.16 21.80 -21.37
C LEU A 109 35.52 20.97 -20.15
N LEU A 110 34.50 20.57 -19.37
CA LEU A 110 34.78 19.82 -18.16
C LEU A 110 35.37 18.45 -18.48
N ARG A 111 34.87 17.79 -19.53
CA ARG A 111 35.40 16.47 -19.90
C ARG A 111 36.86 16.54 -20.29
N SER A 112 37.31 17.66 -20.84
CA SER A 112 38.70 17.76 -21.28
C SER A 112 39.64 17.92 -20.10
N THR A 113 39.12 18.34 -18.96
CA THR A 113 39.90 18.39 -17.72
C THR A 113 39.78 17.10 -16.93
N LEU A 114 38.63 16.44 -16.98
CA LEU A 114 38.35 15.32 -16.08
C LEU A 114 38.84 13.97 -16.62
N VAL A 115 39.15 13.87 -17.92
CA VAL A 115 39.79 12.64 -18.39
C VAL A 115 41.23 12.51 -17.87
N ALA A 116 41.95 13.64 -17.73
CA ALA A 116 43.38 13.68 -17.41
C ALA A 116 43.71 13.76 -15.92
N LEU A 117 42.72 13.86 -15.02
CA LEU A 117 42.89 13.93 -13.56
C LEU A 117 42.29 12.70 -12.91
N PRO A 118 43.10 11.68 -12.63
CA PRO A 118 42.56 10.41 -12.16
C PRO A 118 41.80 10.53 -10.85
N GLY A 119 40.69 9.80 -10.76
CA GLY A 119 39.90 9.71 -9.56
C GLY A 119 38.71 10.63 -9.52
N THR A 120 38.67 11.64 -10.37
CA THR A 120 37.52 12.54 -10.41
C THR A 120 36.45 11.95 -11.32
N GLU A 121 35.21 12.35 -11.07
CA GLU A 121 34.07 11.87 -11.84
C GLU A 121 33.21 13.05 -12.24
N LEU A 122 32.93 13.16 -13.54
CA LEU A 122 31.99 14.15 -14.06
C LEU A 122 30.62 13.50 -14.16
N GLU A 123 29.65 14.06 -13.42
CA GLU A 123 28.27 13.60 -13.43
C GLU A 123 27.43 14.62 -14.19
N SER A 124 26.71 14.16 -15.21
CA SER A 124 25.85 14.99 -16.02
C SER A 124 24.41 14.80 -15.56
N LYS A 125 23.68 15.92 -15.34
CA LYS A 125 22.32 15.83 -14.86
C LYS A 125 21.33 16.57 -15.76
N GLY A 126 21.67 16.77 -17.03
CA GLY A 126 20.72 17.38 -17.94
C GLY A 126 20.87 18.88 -17.95
N MET A 127 20.58 19.52 -16.82
CA MET A 127 20.72 20.96 -16.67
C MET A 127 21.75 21.32 -15.60
N ALA A 128 22.60 20.37 -15.20
CA ALA A 128 23.60 20.61 -14.17
C ALA A 128 24.70 19.56 -14.27
N PHE A 129 25.81 19.82 -13.58
CA PHE A 129 26.98 18.96 -13.59
C PHE A 129 27.53 18.85 -12.17
N ALA A 130 28.05 17.67 -11.82
CA ALA A 130 28.68 17.46 -10.51
C ALA A 130 30.09 16.92 -10.71
N LEU A 131 31.06 17.60 -10.11
CA LEU A 131 32.47 17.21 -10.19
C LEU A 131 32.83 16.48 -8.90
N HIS A 132 32.78 15.14 -8.92
CA HIS A 132 33.12 14.34 -7.75
C HIS A 132 34.62 14.17 -7.63
N TYR A 133 35.12 14.21 -6.40
CA TYR A 133 36.54 14.01 -6.16
C TYR A 133 36.78 13.27 -4.85
N ARG A 134 35.84 12.41 -4.44
CA ARG A 134 35.97 11.71 -3.17
C ARG A 134 37.15 10.72 -3.18
N GLN A 135 37.47 10.15 -4.34
CA GLN A 135 38.57 9.20 -4.46
C GLN A 135 39.90 9.88 -4.76
N ALA A 136 39.93 11.20 -4.94
CA ALA A 136 41.17 11.94 -5.17
C ALA A 136 41.01 13.35 -4.60
N PRO A 137 41.02 13.49 -3.27
CA PRO A 137 40.79 14.81 -2.67
C PRO A 137 41.89 15.82 -2.97
N GLU A 138 43.04 15.40 -3.49
CA GLU A 138 44.08 16.33 -3.89
C GLU A 138 43.61 17.27 -5.00
N HIS A 139 42.57 16.88 -5.76
CA HIS A 139 42.10 17.64 -6.91
C HIS A 139 41.02 18.64 -6.55
N GLU A 140 40.83 18.94 -5.26
CA GLU A 140 39.72 19.81 -4.86
C GLU A 140 39.92 21.23 -5.36
N ALA A 141 41.10 21.81 -5.15
CA ALA A 141 41.33 23.20 -5.54
C ALA A 141 41.22 23.38 -7.05
N ALA A 142 41.74 22.42 -7.83
CA ALA A 142 41.65 22.55 -9.27
C ALA A 142 40.21 22.46 -9.76
N LEU A 143 39.42 21.55 -9.19
CA LEU A 143 38.02 21.44 -9.60
C LEU A 143 37.22 22.67 -9.18
N LEU A 144 37.47 23.21 -7.99
CA LEU A 144 36.73 24.38 -7.55
C LEU A 144 37.04 25.59 -8.45
N ALA A 145 38.31 25.79 -8.79
CA ALA A 145 38.67 26.88 -9.69
C ALA A 145 38.08 26.66 -11.09
N LEU A 146 38.02 25.40 -11.53
CA LEU A 146 37.48 25.10 -12.85
C LEU A 146 35.99 25.46 -12.94
N ALA A 147 35.23 25.10 -11.90
CA ALA A 147 33.81 25.44 -11.89
C ALA A 147 33.59 26.94 -11.75
N GLN A 148 34.45 27.62 -10.98
CA GLN A 148 34.36 29.07 -10.87
C GLN A 148 34.52 29.73 -12.23
N HIS A 149 35.48 29.27 -13.02
CA HIS A 149 35.66 29.81 -14.37
C HIS A 149 34.45 29.50 -15.24
N VAL A 150 33.85 28.31 -15.09
CA VAL A 150 32.67 27.98 -15.89
C VAL A 150 31.52 28.92 -15.55
N THR A 151 31.32 29.19 -14.26
CA THR A 151 30.19 30.01 -13.86
C THR A 151 30.40 31.50 -14.14
N GLN A 152 31.65 31.95 -14.35
CA GLN A 152 31.88 33.32 -14.75
C GLN A 152 31.74 33.53 -16.25
N HIS A 153 31.99 32.49 -17.05
CA HIS A 153 31.84 32.57 -18.49
C HIS A 153 30.43 32.29 -18.96
N TRP A 154 29.70 31.44 -18.25
CA TRP A 154 28.30 31.18 -18.54
C TRP A 154 27.45 31.69 -17.38
N PRO A 155 26.93 32.92 -17.45
CA PRO A 155 26.21 33.49 -16.31
C PRO A 155 24.92 32.77 -15.96
N GLN A 156 24.41 31.89 -16.82
CA GLN A 156 23.21 31.16 -16.44
C GLN A 156 23.50 30.03 -15.47
N LEU A 157 24.75 29.83 -15.09
CA LEU A 157 25.16 28.75 -14.21
C LEU A 157 25.70 29.32 -12.91
N ALA A 158 25.48 28.58 -11.82
CA ALA A 158 25.90 29.01 -10.50
C ALA A 158 26.60 27.84 -9.82
N LEU A 159 27.46 28.18 -8.86
CA LEU A 159 28.26 27.21 -8.13
C LEU A 159 27.50 26.66 -6.92
N GLN A 160 27.69 25.37 -6.63
CA GLN A 160 27.09 24.73 -5.45
C GLN A 160 28.10 23.73 -4.91
N LEU A 161 28.91 24.16 -3.94
CA LEU A 161 29.83 23.26 -3.29
C LEU A 161 29.09 22.21 -2.46
N GLY A 162 29.72 21.05 -2.30
CA GLY A 162 29.19 19.99 -1.48
C GLY A 162 30.29 19.09 -0.94
N LYS A 163 29.89 18.04 -0.23
CA LYS A 163 30.82 17.11 0.39
C LYS A 163 31.54 16.30 -0.68
N CYS A 164 32.85 16.56 -0.82
CA CYS A 164 33.70 15.91 -1.83
C CYS A 164 33.16 16.12 -3.25
N VAL A 165 32.42 17.20 -3.47
CA VAL A 165 31.87 17.47 -4.79
C VAL A 165 31.77 18.98 -4.99
N VAL A 166 31.98 19.40 -6.23
CA VAL A 166 31.78 20.79 -6.65
C VAL A 166 30.79 20.76 -7.79
N GLU A 167 29.57 21.26 -7.54
CA GLU A 167 28.50 21.17 -8.52
C GLU A 167 28.27 22.50 -9.23
N ILE A 168 27.71 22.40 -10.43
CA ILE A 168 27.38 23.51 -11.30
C ILE A 168 25.90 23.37 -11.66
N LYS A 169 25.11 24.40 -11.39
CA LYS A 169 23.65 24.37 -11.45
C LYS A 169 23.13 25.63 -12.12
N PRO A 170 21.88 25.61 -12.60
CA PRO A 170 21.30 26.84 -13.16
C PRO A 170 21.14 27.92 -12.11
N LYS A 171 21.53 29.14 -12.47
CA LYS A 171 21.41 30.27 -11.55
C LYS A 171 19.95 30.45 -11.14
N GLY A 172 19.74 30.71 -9.85
CA GLY A 172 18.42 30.82 -9.29
C GLY A 172 17.87 29.53 -8.72
N THR A 173 18.60 28.44 -8.82
CA THR A 173 18.19 27.14 -8.29
C THR A 173 18.83 26.93 -6.93
N ASN A 174 18.01 26.57 -5.94
CA ASN A 174 18.47 26.25 -4.59
C ASN A 174 17.32 25.57 -3.85
N LYS A 175 17.67 24.83 -2.79
CA LYS A 175 16.67 24.07 -2.06
C LYS A 175 15.69 24.95 -1.30
N GLY A 176 16.06 26.20 -1.02
CA GLY A 176 15.13 27.10 -0.36
C GLY A 176 13.98 27.46 -1.27
N GLU A 177 14.28 27.67 -2.55
CA GLU A 177 13.22 27.99 -3.51
C GLU A 177 12.38 26.76 -3.82
N ALA A 178 12.99 25.57 -3.83
CA ALA A 178 12.22 24.34 -4.03
C ALA A 178 11.23 24.13 -2.90
N ILE A 179 11.66 24.34 -1.66
CA ILE A 179 10.74 24.20 -0.52
C ILE A 179 9.64 25.25 -0.59
N ALA A 180 10.00 26.47 -0.99
CA ALA A 180 9.01 27.55 -1.11
C ALA A 180 7.92 27.18 -2.12
N ALA A 181 8.29 26.56 -3.23
CA ALA A 181 7.31 26.17 -4.23
C ALA A 181 6.33 25.14 -3.69
N PHE A 182 6.82 24.18 -2.90
CA PHE A 182 5.93 23.21 -2.29
C PHE A 182 5.01 23.86 -1.26
N MET A 183 5.53 24.80 -0.48
CA MET A 183 4.78 25.35 0.64
C MET A 183 3.59 26.21 0.22
N GLN A 184 3.47 26.55 -1.06
CA GLN A 184 2.29 27.25 -1.53
C GLN A 184 1.30 26.32 -2.22
N GLU A 185 1.61 25.03 -2.28
CA GLU A 185 0.75 24.03 -2.89
C GLU A 185 0.18 23.08 -1.83
N ALA A 186 -1.03 22.61 -2.07
CA ALA A 186 -1.56 21.53 -1.27
C ALA A 186 -0.76 20.27 -1.55
N PRO A 187 -0.62 19.37 -0.55
CA PRO A 187 -1.13 19.44 0.81
C PRO A 187 -0.16 20.10 1.78
N PHE A 188 0.94 20.65 1.25
CA PHE A 188 1.93 21.27 2.12
C PHE A 188 1.43 22.59 2.70
N ALA A 189 0.66 23.34 1.92
CA ALA A 189 0.19 24.65 2.37
C ALA A 189 -0.63 24.55 3.64
N GLY A 190 -0.36 25.46 4.59
CA GLY A 190 -1.05 25.48 5.86
C GLY A 190 -0.36 24.74 6.97
N ARG A 191 0.71 24.01 6.68
CA ARG A 191 1.43 23.24 7.66
C ARG A 191 2.73 23.93 8.05
N ILE A 192 3.36 23.43 9.10
CA ILE A 192 4.64 23.96 9.58
C ILE A 192 5.77 23.19 8.92
N PRO A 193 6.67 23.85 8.20
CA PRO A 193 7.70 23.10 7.45
C PRO A 193 8.78 22.54 8.36
N VAL A 194 9.15 21.29 8.10
CA VAL A 194 10.27 20.62 8.76
C VAL A 194 11.24 20.16 7.68
N PHE A 195 12.50 20.55 7.82
CA PHE A 195 13.52 20.23 6.83
C PHE A 195 14.75 19.67 7.52
N VAL A 196 15.19 18.49 7.08
CA VAL A 196 16.33 17.78 7.66
C VAL A 196 17.37 17.58 6.55
N GLY A 197 18.56 18.17 6.73
CA GLY A 197 19.61 18.11 5.73
C GLY A 197 20.98 18.02 6.37
N ASP A 198 22.00 17.88 5.52
CA ASP A 198 23.36 17.61 5.99
C ASP A 198 24.46 18.37 5.30
N ASP A 199 24.24 18.99 4.13
CA ASP A 199 25.30 19.56 3.31
C ASP A 199 24.99 21.04 3.03
N LEU A 200 25.93 21.68 2.33
CA LEU A 200 25.83 23.12 2.11
C LEU A 200 24.61 23.50 1.28
N THR A 201 24.18 22.61 0.37
CA THR A 201 22.97 22.92 -0.40
C THR A 201 21.75 23.06 0.50
N ASP A 202 21.73 22.37 1.63
CA ASP A 202 20.60 22.40 2.54
C ASP A 202 20.52 23.71 3.35
N GLU A 203 21.60 24.50 3.36
CA GLU A 203 21.59 25.73 4.13
C GLU A 203 20.55 26.72 3.58
N ALA A 204 20.39 26.77 2.26
CA ALA A 204 19.36 27.64 1.69
C ALA A 204 17.98 27.20 2.15
N GLY A 205 17.76 25.89 2.25
CA GLY A 205 16.49 25.41 2.78
C GLY A 205 16.33 25.74 4.24
N PHE A 206 17.41 25.58 5.02
CA PHE A 206 17.34 25.94 6.44
C PHE A 206 16.95 27.40 6.62
N GLY A 207 17.48 28.28 5.77
CA GLY A 207 17.18 29.70 5.92
C GLY A 207 15.70 30.03 5.74
N VAL A 208 15.10 29.55 4.65
CA VAL A 208 13.68 29.83 4.40
C VAL A 208 12.80 29.19 5.46
N VAL A 209 13.16 27.99 5.93
CA VAL A 209 12.34 27.30 6.92
C VAL A 209 12.38 28.03 8.24
N ASN A 210 13.56 28.52 8.63
CA ASN A 210 13.70 29.30 9.86
C ASN A 210 12.81 30.54 9.82
N HIS A 211 12.89 31.30 8.73
CA HIS A 211 12.08 32.52 8.59
C HIS A 211 10.60 32.21 8.51
N ALA A 212 10.23 31.04 8.01
CA ALA A 212 8.83 30.65 7.89
C ALA A 212 8.21 30.20 9.20
N GLY A 213 9.00 30.09 10.27
CA GLY A 213 8.50 29.55 11.52
C GLY A 213 8.48 28.03 11.61
N GLY A 214 9.33 27.36 10.85
CA GLY A 214 9.42 25.91 10.85
C GLY A 214 10.60 25.41 11.65
N ILE A 215 10.94 24.14 11.41
CA ILE A 215 11.97 23.43 12.16
C ILE A 215 13.04 22.94 11.19
N SER A 216 14.26 23.45 11.35
CA SER A 216 15.40 23.06 10.52
C SER A 216 16.36 22.19 11.34
N VAL A 217 16.80 21.09 10.74
CA VAL A 217 17.60 20.09 11.45
C VAL A 217 18.85 19.80 10.63
N LYS A 218 20.02 20.08 11.20
CA LYS A 218 21.30 19.75 10.59
C LYS A 218 21.71 18.35 11.03
N VAL A 219 22.15 17.54 10.08
CA VAL A 219 22.62 16.18 10.36
C VAL A 219 24.13 16.18 10.32
N GLY A 220 24.75 15.70 11.39
CA GLY A 220 26.18 15.56 11.40
C GLY A 220 26.90 16.83 11.81
N VAL A 221 28.16 16.86 11.44
CA VAL A 221 29.15 17.82 11.90
C VAL A 221 29.15 19.05 11.00
N GLY A 222 29.51 20.20 11.58
CA GLY A 222 29.65 21.42 10.79
C GLY A 222 28.84 22.60 11.28
N ALA A 223 29.35 23.80 11.00
CA ALA A 223 28.61 25.02 11.25
C ALA A 223 27.33 25.05 10.42
N THR A 224 26.27 25.62 10.97
CA THR A 224 24.98 25.57 10.29
C THR A 224 24.07 26.68 10.82
N GLN A 225 23.20 27.17 9.94
CA GLN A 225 22.16 28.07 10.43
C GLN A 225 20.90 27.34 10.89
N ALA A 226 20.86 26.01 10.73
CA ALA A 226 19.73 25.23 11.23
C ALA A 226 19.62 25.37 12.74
N ALA A 227 18.38 25.40 13.24
CA ALA A 227 18.19 25.58 14.67
C ALA A 227 18.46 24.33 15.50
N TRP A 228 18.36 23.14 14.90
CA TRP A 228 18.46 21.88 15.63
C TRP A 228 19.46 20.97 14.95
N ARG A 229 19.91 19.94 15.68
CA ARG A 229 20.98 19.11 15.15
C ARG A 229 20.76 17.64 15.50
N LEU A 230 20.96 16.77 14.52
CA LEU A 230 21.04 15.33 14.73
C LEU A 230 22.45 14.85 14.41
N GLU A 231 22.89 13.81 15.12
CA GLU A 231 24.30 13.43 15.08
C GLU A 231 24.68 12.69 13.80
N SER A 232 23.80 11.83 13.29
CA SER A 232 24.18 10.95 12.20
C SER A 232 22.92 10.42 11.51
N VAL A 233 23.13 9.73 10.40
CA VAL A 233 22.01 9.14 9.68
C VAL A 233 21.23 8.17 10.55
N PRO A 234 21.87 7.24 11.29
CA PRO A 234 21.08 6.40 12.21
C PRO A 234 20.24 7.19 13.22
N ASP A 235 20.67 8.40 13.60
CA ASP A 235 19.83 9.21 14.47
C ASP A 235 18.63 9.76 13.72
N VAL A 236 18.77 10.02 12.42
CA VAL A 236 17.59 10.33 11.62
C VAL A 236 16.65 9.14 11.57
N TRP A 237 17.21 7.94 11.36
CA TRP A 237 16.41 6.73 11.34
C TRP A 237 15.70 6.52 12.67
N ARG A 238 16.41 6.72 13.78
CA ARG A 238 15.79 6.53 15.09
C ARG A 238 14.71 7.58 15.33
N TRP A 239 14.99 8.84 15.00
CA TRP A 239 13.99 9.89 15.13
C TRP A 239 12.76 9.59 14.30
N LEU A 240 12.98 9.08 13.09
CA LEU A 240 11.86 8.79 12.19
C LEU A 240 11.01 7.65 12.73
N GLU A 241 11.62 6.66 13.39
CA GLU A 241 10.84 5.61 14.03
C GLU A 241 10.14 6.10 15.28
N GLN A 242 10.73 7.09 15.97
CA GLN A 242 10.11 7.67 17.16
C GLN A 242 8.85 8.48 16.82
N ILE A 243 8.80 9.13 15.66
CA ILE A 243 7.61 9.85 15.25
C ILE A 243 6.46 8.88 15.02
N ASN A 244 6.75 7.71 14.46
CA ASN A 244 5.71 6.77 14.06
C ASN A 244 5.23 5.95 15.24
N TYR A 245 6.15 5.48 16.09
CA TYR A 245 5.84 4.57 17.19
C TYR A 245 6.49 5.10 18.47
N PRO A 246 5.82 6.03 19.18
CA PRO A 246 6.36 6.55 20.43
C PRO A 246 6.36 5.52 21.57
N MET B 1 -27.42 -28.25 -15.05
CA MET B 1 -27.53 -29.69 -15.24
C MET B 1 -27.55 -30.38 -13.88
N ALA B 2 -27.42 -29.57 -12.82
CA ALA B 2 -27.47 -30.07 -11.46
C ALA B 2 -28.84 -30.68 -11.17
N GLU B 3 -28.84 -31.82 -10.42
CA GLU B 3 -30.10 -32.52 -10.20
C GLU B 3 -30.78 -32.00 -8.94
N PRO B 4 -32.12 -32.00 -8.91
CA PRO B 4 -32.84 -31.54 -7.72
C PRO B 4 -32.56 -32.41 -6.51
N LEU B 5 -32.17 -31.78 -5.41
CA LEU B 5 -31.94 -32.48 -4.16
C LEU B 5 -33.29 -32.78 -3.51
N THR B 6 -33.60 -34.05 -3.30
CA THR B 6 -34.87 -34.41 -2.69
C THR B 6 -34.73 -35.34 -1.48
N VAL B 7 -33.52 -35.61 -1.02
CA VAL B 7 -33.30 -36.41 0.19
C VAL B 7 -32.37 -35.66 1.13
N SER B 8 -32.69 -35.73 2.43
CA SER B 8 -31.97 -35.03 3.47
C SER B 8 -31.23 -36.01 4.37
N PRO B 9 -29.88 -35.91 4.47
CA PRO B 9 -29.09 -36.91 5.22
C PRO B 9 -29.57 -37.22 6.63
N GLU B 10 -29.21 -38.41 7.11
CA GLU B 10 -29.47 -38.78 8.50
C GLU B 10 -28.75 -37.85 9.46
N LEU B 11 -29.40 -37.61 10.60
CA LEU B 11 -28.89 -36.63 11.58
C LEU B 11 -27.50 -36.98 12.09
N THR B 12 -27.24 -38.26 12.35
CA THR B 12 -25.97 -38.66 12.92
C THR B 12 -25.19 -39.55 11.97
N ALA B 13 -24.98 -39.08 10.73
CA ALA B 13 -24.19 -39.80 9.76
C ALA B 13 -22.74 -39.32 9.83
N ASN B 14 -21.93 -39.72 8.87
CA ASN B 14 -20.50 -39.36 8.84
C ASN B 14 -20.25 -38.19 7.89
N TYR B 15 -21.04 -37.13 8.01
CA TYR B 15 -20.93 -35.98 7.13
C TYR B 15 -20.27 -34.81 7.86
N ALA B 16 -19.53 -34.01 7.08
CA ALA B 16 -19.00 -32.73 7.53
C ALA B 16 -19.65 -31.62 6.73
N TYR B 17 -20.18 -30.62 7.43
CA TYR B 17 -21.03 -29.61 6.80
C TYR B 17 -20.30 -28.29 6.62
N PHE B 18 -20.48 -27.69 5.44
CA PHE B 18 -19.98 -26.35 5.12
C PHE B 18 -21.11 -25.56 4.48
N PHE B 19 -21.42 -24.39 5.06
CA PHE B 19 -22.55 -23.58 4.61
C PHE B 19 -22.08 -22.18 4.24
N ASP B 20 -22.43 -21.76 3.03
CA ASP B 20 -22.34 -20.36 2.67
C ASP B 20 -23.35 -19.56 3.50
N LEU B 21 -23.21 -18.24 3.49
CA LEU B 21 -24.17 -17.41 4.23
C LEU B 21 -25.11 -16.68 3.28
N ASP B 22 -24.66 -15.58 2.69
CA ASP B 22 -25.51 -14.77 1.84
C ASP B 22 -25.97 -15.58 0.63
N GLY B 23 -27.28 -15.59 0.40
CA GLY B 23 -27.87 -16.38 -0.67
C GLY B 23 -28.05 -17.85 -0.35
N THR B 24 -27.58 -18.32 0.80
CA THR B 24 -27.71 -19.72 1.21
C THR B 24 -28.48 -19.84 2.51
N LEU B 25 -27.97 -19.27 3.60
CA LEU B 25 -28.65 -19.31 4.89
C LEU B 25 -29.48 -18.06 5.16
N ALA B 26 -29.22 -16.97 4.43
CA ALA B 26 -29.96 -15.73 4.58
C ALA B 26 -30.36 -15.20 3.22
N GLU B 27 -31.52 -14.53 3.19
CA GLU B 27 -32.06 -14.03 1.93
C GLU B 27 -31.30 -12.79 1.47
N ILE B 28 -31.25 -12.61 0.15
CA ILE B 28 -30.60 -11.44 -0.42
C ILE B 28 -31.36 -10.18 -0.01
N LYS B 29 -30.62 -9.14 0.35
CA LYS B 29 -31.19 -7.88 0.77
C LYS B 29 -30.61 -6.73 -0.04
N PRO B 30 -31.33 -5.61 -0.14
CA PRO B 30 -30.81 -4.48 -0.94
C PRO B 30 -29.48 -3.93 -0.46
N HIS B 31 -29.13 -4.09 0.81
CA HIS B 31 -27.87 -3.58 1.35
C HIS B 31 -27.23 -4.63 2.25
N PRO B 32 -25.90 -4.70 2.26
CA PRO B 32 -25.22 -5.75 3.05
C PRO B 32 -25.56 -5.70 4.53
N ASP B 33 -25.95 -4.53 5.05
CA ASP B 33 -26.28 -4.40 6.46
C ASP B 33 -27.61 -5.02 6.84
N GLN B 34 -28.45 -5.38 5.87
CA GLN B 34 -29.80 -5.89 6.13
C GLN B 34 -29.89 -7.40 6.23
N VAL B 35 -28.79 -8.12 6.06
CA VAL B 35 -28.82 -9.58 6.07
C VAL B 35 -28.97 -10.11 7.50
N VAL B 36 -29.84 -11.11 7.65
CA VAL B 36 -30.06 -11.78 8.93
C VAL B 36 -30.24 -13.28 8.69
N VAL B 37 -29.58 -14.08 9.51
CA VAL B 37 -29.84 -15.52 9.57
C VAL B 37 -30.84 -15.76 10.71
N PRO B 38 -32.05 -16.25 10.40
CA PRO B 38 -33.07 -16.38 11.45
C PRO B 38 -32.60 -17.24 12.60
N HIS B 39 -33.11 -16.93 13.80
CA HIS B 39 -32.64 -17.62 15.01
C HIS B 39 -32.93 -19.11 14.95
N LYS B 40 -34.09 -19.50 14.44
CA LYS B 40 -34.43 -20.92 14.35
C LYS B 40 -33.44 -21.66 13.47
N ILE B 41 -32.98 -21.02 12.39
CA ILE B 41 -32.00 -21.67 11.51
C ILE B 41 -30.68 -21.87 12.25
N LEU B 42 -30.28 -20.89 13.07
CA LEU B 42 -29.03 -21.03 13.84
C LEU B 42 -29.11 -22.17 14.84
N GLN B 43 -30.26 -22.32 15.50
CA GLN B 43 -30.45 -23.45 16.41
C GLN B 43 -30.31 -24.78 15.68
N LEU B 44 -30.88 -24.87 14.47
CA LEU B 44 -30.73 -26.08 13.66
C LEU B 44 -29.29 -26.30 13.26
N LEU B 45 -28.58 -25.23 12.90
CA LEU B 45 -27.16 -25.35 12.57
C LEU B 45 -26.35 -25.79 13.78
N ASP B 46 -26.69 -25.27 14.96
CA ASP B 46 -25.99 -25.67 16.17
C ASP B 46 -26.27 -27.13 16.53
N ARG B 47 -27.52 -27.56 16.35
CA ARG B 47 -27.85 -28.94 16.69
C ARG B 47 -27.29 -29.90 15.65
N LEU B 48 -27.23 -29.48 14.38
CA LEU B 48 -26.57 -30.30 13.37
C LEU B 48 -25.09 -30.45 13.69
N ALA B 49 -24.44 -29.38 14.15
CA ALA B 49 -23.04 -29.47 14.54
C ALA B 49 -22.85 -30.42 15.72
N ALA B 50 -23.77 -30.37 16.69
CA ALA B 50 -23.61 -31.19 17.88
C ALA B 50 -23.71 -32.69 17.56
N HIS B 51 -24.54 -33.06 16.58
CA HIS B 51 -24.68 -34.46 16.20
C HIS B 51 -23.62 -34.91 15.22
N ASN B 52 -22.65 -34.06 14.88
CA ASN B 52 -21.58 -34.40 13.95
C ASN B 52 -20.24 -33.95 14.50
N ALA B 53 -20.04 -34.09 15.81
CA ALA B 53 -18.79 -33.80 16.50
C ALA B 53 -18.33 -32.35 16.34
N GLY B 54 -19.24 -31.45 15.94
CA GLY B 54 -18.89 -30.07 15.70
C GLY B 54 -18.33 -29.79 14.32
N ALA B 55 -18.45 -30.73 13.38
CA ALA B 55 -17.89 -30.58 12.04
C ALA B 55 -18.86 -29.82 11.15
N LEU B 56 -19.06 -28.55 11.50
CA LEU B 56 -19.89 -27.63 10.73
C LEU B 56 -19.22 -26.27 10.75
N ALA B 57 -19.01 -25.70 9.57
CA ALA B 57 -18.34 -24.42 9.45
C ALA B 57 -19.09 -23.56 8.44
N LEU B 58 -19.02 -22.25 8.64
CA LEU B 58 -19.57 -21.28 7.70
C LEU B 58 -18.44 -20.78 6.82
N ILE B 59 -18.64 -20.87 5.50
CA ILE B 59 -17.65 -20.50 4.52
C ILE B 59 -18.22 -19.32 3.74
N SER B 60 -17.81 -18.11 4.12
CA SER B 60 -18.43 -16.90 3.63
C SER B 60 -17.37 -15.94 3.13
N GLY B 61 -17.82 -14.97 2.34
CA GLY B 61 -16.99 -13.83 1.95
C GLY B 61 -16.94 -12.71 2.96
N ARG B 62 -17.82 -12.74 3.95
CA ARG B 62 -17.83 -11.71 4.98
C ARG B 62 -16.62 -11.86 5.89
N SER B 63 -16.33 -10.79 6.64
CA SER B 63 -15.33 -10.86 7.69
C SER B 63 -15.82 -11.76 8.82
N MET B 64 -14.86 -12.37 9.53
CA MET B 64 -15.20 -13.24 10.65
C MET B 64 -15.91 -12.48 11.76
N THR B 65 -15.58 -11.19 11.94
CA THR B 65 -16.30 -10.37 12.91
C THR B 65 -17.77 -10.24 12.53
N GLU B 66 -18.05 -10.09 11.24
CA GLU B 66 -19.44 -10.02 10.79
C GLU B 66 -20.14 -11.36 10.97
N LEU B 67 -19.44 -12.46 10.72
CA LEU B 67 -20.06 -13.79 10.84
C LEU B 67 -20.39 -14.11 12.29
N ASP B 68 -19.52 -13.71 13.22
CA ASP B 68 -19.82 -13.93 14.64
C ASP B 68 -21.02 -13.11 15.08
N ALA B 69 -21.23 -11.95 14.49
CA ALA B 69 -22.41 -11.15 14.81
C ALA B 69 -23.69 -11.80 14.30
N LEU B 70 -23.68 -12.29 13.05
CA LEU B 70 -24.87 -12.93 12.50
C LEU B 70 -25.18 -14.27 13.18
N ALA B 71 -24.17 -14.95 13.71
CA ALA B 71 -24.39 -16.25 14.30
C ALA B 71 -24.65 -16.19 15.80
N LYS B 72 -24.68 -14.99 16.38
CA LYS B 72 -24.94 -14.85 17.80
C LYS B 72 -26.29 -15.49 18.14
N PRO B 73 -26.39 -16.24 19.26
CA PRO B 73 -25.38 -16.44 20.30
C PRO B 73 -24.43 -17.62 20.06
N PHE B 74 -24.43 -18.17 18.85
CA PHE B 74 -23.66 -19.36 18.56
C PHE B 74 -22.30 -19.00 17.97
N ARG B 75 -21.32 -19.86 18.21
CA ARG B 75 -19.95 -19.66 17.76
C ARG B 75 -19.50 -20.88 16.98
N PHE B 76 -19.36 -20.74 15.67
CA PHE B 76 -18.97 -21.84 14.81
C PHE B 76 -17.54 -21.66 14.32
N PRO B 77 -16.90 -22.72 13.83
CA PRO B 77 -15.71 -22.53 13.00
C PRO B 77 -16.08 -21.73 11.76
N LEU B 78 -15.21 -20.83 11.35
CA LEU B 78 -15.51 -19.93 10.26
C LEU B 78 -14.38 -19.88 9.25
N ALA B 79 -14.75 -19.53 8.03
CA ALA B 79 -13.82 -19.07 7.02
C ALA B 79 -14.41 -17.79 6.45
N GLY B 80 -13.72 -16.68 6.67
CA GLY B 80 -14.18 -15.41 6.17
C GLY B 80 -13.40 -14.91 4.97
N VAL B 81 -13.94 -13.94 4.25
CA VAL B 81 -13.29 -13.28 3.13
C VAL B 81 -12.75 -14.32 2.15
N HIS B 82 -13.59 -15.27 1.77
CA HIS B 82 -13.31 -16.28 0.75
C HIS B 82 -12.12 -17.17 1.10
N GLY B 83 -11.73 -17.22 2.37
CA GLY B 83 -10.61 -18.03 2.81
C GLY B 83 -9.44 -17.25 3.37
N ALA B 84 -9.38 -15.93 3.15
CA ALA B 84 -8.28 -15.14 3.69
C ALA B 84 -8.33 -15.06 5.21
N GLU B 85 -9.49 -15.34 5.79
CA GLU B 85 -9.66 -15.50 7.24
C GLU B 85 -10.20 -16.89 7.51
N ARG B 86 -9.65 -17.55 8.53
CA ARG B 86 -10.12 -18.87 8.92
C ARG B 86 -9.88 -19.05 10.41
N ARG B 87 -10.82 -19.69 11.08
CA ARG B 87 -10.72 -19.99 12.50
C ARG B 87 -11.14 -21.43 12.72
N ASP B 88 -10.24 -22.24 13.29
CA ASP B 88 -10.54 -23.65 13.50
C ASP B 88 -11.44 -23.81 14.73
N ILE B 89 -11.74 -25.07 15.07
CA ILE B 89 -12.67 -25.33 16.17
C ILE B 89 -12.10 -24.91 17.52
N ASN B 90 -10.78 -24.82 17.66
CA ASN B 90 -10.16 -24.39 18.91
C ASN B 90 -10.04 -22.87 19.04
N GLY B 91 -10.50 -22.11 18.04
CA GLY B 91 -10.38 -20.67 18.07
C GLY B 91 -9.12 -20.12 17.44
N LYS B 92 -8.20 -20.99 16.98
CA LYS B 92 -6.96 -20.54 16.36
C LYS B 92 -7.26 -19.95 14.98
N THR B 93 -6.82 -18.72 14.75
CA THR B 93 -7.08 -18.00 13.51
C THR B 93 -5.87 -17.98 12.59
N HIS B 94 -6.15 -17.98 11.29
CA HIS B 94 -5.13 -17.84 10.24
C HIS B 94 -5.60 -16.72 9.32
N ILE B 95 -4.84 -15.64 9.28
CA ILE B 95 -5.26 -14.41 8.61
C ILE B 95 -4.23 -14.07 7.55
N VAL B 96 -4.68 -13.78 6.33
CA VAL B 96 -3.79 -13.31 5.28
C VAL B 96 -3.53 -11.83 5.49
N ARG B 97 -2.27 -11.45 5.57
CA ARG B 97 -1.87 -10.09 5.89
C ARG B 97 -1.27 -9.44 4.65
N LEU B 98 -1.81 -8.29 4.29
CA LEU B 98 -1.26 -7.44 3.25
C LEU B 98 -0.35 -6.38 3.86
N PRO B 99 0.57 -5.82 3.08
CA PRO B 99 1.33 -4.68 3.58
C PRO B 99 0.38 -3.53 3.93
N GLU B 100 0.67 -2.83 5.02
CA GLU B 100 -0.21 -1.75 5.44
C GLU B 100 -0.27 -0.64 4.42
N ALA B 101 0.80 -0.47 3.62
CA ALA B 101 0.81 0.55 2.60
C ALA B 101 -0.18 0.24 1.47
N VAL B 102 -0.34 -1.04 1.12
CA VAL B 102 -1.25 -1.37 0.01
C VAL B 102 -2.70 -1.26 0.45
N VAL B 103 -3.01 -1.73 1.67
CA VAL B 103 -4.38 -1.66 2.17
C VAL B 103 -4.86 -0.22 2.24
N ARG B 104 -3.97 0.71 2.62
CA ARG B 104 -4.33 2.13 2.64
C ARG B 104 -4.49 2.72 1.24
N GLU B 105 -3.63 2.33 0.29
CA GLU B 105 -3.62 3.05 -1.00
C GLU B 105 -4.82 2.71 -1.87
N VAL B 106 -5.18 1.43 -1.97
CA VAL B 106 -6.31 1.08 -2.83
C VAL B 106 -7.62 1.42 -2.13
N GLU B 107 -7.66 1.40 -0.79
CA GLU B 107 -8.86 1.88 -0.11
C GLU B 107 -9.03 3.37 -0.33
N ALA B 108 -7.92 4.11 -0.31
CA ALA B 108 -7.99 5.54 -0.64
C ALA B 108 -8.37 5.73 -2.10
N LEU B 109 -7.88 4.87 -2.98
CA LEU B 109 -8.22 4.98 -4.39
C LEU B 109 -9.69 4.65 -4.62
N LEU B 110 -10.16 3.51 -4.10
CA LEU B 110 -11.53 3.10 -4.38
C LEU B 110 -12.55 4.01 -3.72
N ARG B 111 -12.30 4.43 -2.48
CA ARG B 111 -13.22 5.32 -1.80
C ARG B 111 -13.38 6.64 -2.54
N SER B 112 -12.30 7.11 -3.19
CA SER B 112 -12.33 8.33 -3.99
C SER B 112 -12.80 8.11 -5.42
N THR B 113 -12.78 6.87 -5.90
CA THR B 113 -13.20 6.58 -7.27
C THR B 113 -14.71 6.41 -7.36
N LEU B 114 -15.34 5.99 -6.27
CA LEU B 114 -16.75 5.66 -6.28
C LEU B 114 -17.63 6.90 -6.16
N VAL B 115 -17.05 8.07 -5.84
CA VAL B 115 -17.81 9.31 -5.85
C VAL B 115 -18.37 9.60 -7.24
N ALA B 116 -17.65 9.22 -8.29
CA ALA B 116 -18.08 9.51 -9.65
C ALA B 116 -19.04 8.45 -10.18
N LEU B 117 -19.30 7.40 -9.40
CA LEU B 117 -20.29 6.38 -9.74
C LEU B 117 -21.34 6.41 -8.64
N PRO B 118 -22.36 7.26 -8.76
CA PRO B 118 -23.36 7.35 -7.69
C PRO B 118 -24.15 6.06 -7.57
N GLY B 119 -24.42 5.66 -6.32
CA GLY B 119 -25.17 4.45 -6.03
C GLY B 119 -24.32 3.25 -5.68
N THR B 120 -23.02 3.28 -5.99
CA THR B 120 -22.13 2.19 -5.65
C THR B 120 -21.63 2.38 -4.23
N GLU B 121 -21.24 1.27 -3.59
CA GLU B 121 -20.75 1.28 -2.20
C GLU B 121 -19.49 0.44 -2.09
N LEU B 122 -18.47 1.00 -1.43
CA LEU B 122 -17.23 0.29 -1.14
C LEU B 122 -17.32 -0.33 0.25
N GLU B 123 -17.12 -1.65 0.34
CA GLU B 123 -17.08 -2.37 1.60
C GLU B 123 -15.64 -2.81 1.87
N SER B 124 -15.08 -2.39 3.01
CA SER B 124 -13.73 -2.73 3.41
C SER B 124 -13.76 -3.86 4.45
N LYS B 125 -12.93 -4.88 4.25
CA LYS B 125 -12.95 -6.04 5.13
C LYS B 125 -11.55 -6.33 5.67
N GLY B 126 -10.68 -5.32 5.74
CA GLY B 126 -9.35 -5.50 6.28
C GLY B 126 -8.28 -5.84 5.26
N MET B 127 -8.36 -7.02 4.62
CA MET B 127 -7.40 -7.41 3.60
C MET B 127 -8.06 -7.60 2.24
N ALA B 128 -9.28 -7.10 2.07
CA ALA B 128 -9.99 -7.22 0.80
C ALA B 128 -11.07 -6.14 0.74
N PHE B 129 -11.56 -5.90 -0.48
CA PHE B 129 -12.55 -4.86 -0.72
C PHE B 129 -13.62 -5.35 -1.69
N ALA B 130 -14.86 -4.90 -1.47
CA ALA B 130 -16.00 -5.28 -2.28
C ALA B 130 -16.65 -4.05 -2.90
N LEU B 131 -16.83 -4.07 -4.21
CA LEU B 131 -17.45 -2.97 -4.95
C LEU B 131 -18.91 -3.34 -5.23
N HIS B 132 -19.80 -2.88 -4.36
CA HIS B 132 -21.22 -3.18 -4.51
C HIS B 132 -21.87 -2.23 -5.51
N TYR B 133 -22.81 -2.76 -6.30
CA TYR B 133 -23.54 -1.94 -7.26
C TYR B 133 -24.98 -2.41 -7.41
N ARG B 134 -25.57 -2.97 -6.34
CA ARG B 134 -26.93 -3.47 -6.44
C ARG B 134 -27.93 -2.33 -6.65
N GLN B 135 -27.65 -1.16 -6.10
CA GLN B 135 -28.52 0.01 -6.27
C GLN B 135 -28.18 0.82 -7.52
N ALA B 136 -27.13 0.46 -8.25
CA ALA B 136 -26.74 1.18 -9.48
C ALA B 136 -26.09 0.20 -10.43
N PRO B 137 -26.89 -0.68 -11.06
CA PRO B 137 -26.32 -1.69 -11.97
C PRO B 137 -25.72 -1.11 -13.24
N GLU B 138 -25.96 0.17 -13.53
CA GLU B 138 -25.35 0.82 -14.69
C GLU B 138 -23.83 0.87 -14.59
N HIS B 139 -23.29 0.89 -13.37
CA HIS B 139 -21.86 1.09 -13.15
C HIS B 139 -21.06 -0.20 -13.04
N GLU B 140 -21.63 -1.33 -13.48
CA GLU B 140 -20.95 -2.60 -13.30
C GLU B 140 -19.67 -2.66 -14.14
N ALA B 141 -19.76 -2.24 -15.40
CA ALA B 141 -18.57 -2.25 -16.26
C ALA B 141 -17.51 -1.30 -15.72
N ALA B 142 -17.92 -0.17 -15.18
CA ALA B 142 -16.96 0.78 -14.60
C ALA B 142 -16.29 0.20 -13.36
N LEU B 143 -17.05 -0.47 -12.50
CA LEU B 143 -16.46 -1.10 -11.32
C LEU B 143 -15.58 -2.28 -11.72
N LEU B 144 -15.99 -3.06 -12.72
CA LEU B 144 -15.22 -4.20 -13.16
C LEU B 144 -13.87 -3.78 -13.74
N ALA B 145 -13.88 -2.76 -14.60
CA ALA B 145 -12.64 -2.24 -15.15
C ALA B 145 -11.77 -1.64 -14.07
N LEU B 146 -12.39 -1.02 -13.06
CA LEU B 146 -11.63 -0.43 -11.97
C LEU B 146 -10.88 -1.48 -11.17
N ALA B 147 -11.55 -2.59 -10.84
CA ALA B 147 -10.90 -3.65 -10.07
C ALA B 147 -9.83 -4.36 -10.88
N GLN B 148 -10.05 -4.52 -12.19
CA GLN B 148 -9.00 -5.08 -13.03
C GLN B 148 -7.77 -4.20 -13.02
N HIS B 149 -7.95 -2.88 -13.17
CA HIS B 149 -6.81 -1.96 -13.12
C HIS B 149 -6.12 -2.01 -11.76
N VAL B 150 -6.88 -2.21 -10.68
CA VAL B 150 -6.27 -2.33 -9.35
C VAL B 150 -5.37 -3.56 -9.29
N THR B 151 -5.84 -4.69 -9.83
CA THR B 151 -5.05 -5.92 -9.76
C THR B 151 -3.87 -5.93 -10.71
N GLN B 152 -3.83 -5.02 -11.68
CA GLN B 152 -2.65 -4.91 -12.55
C GLN B 152 -1.54 -4.11 -11.88
N HIS B 153 -1.87 -3.18 -11.00
CA HIS B 153 -0.82 -2.45 -10.30
C HIS B 153 -0.34 -3.19 -9.06
N TRP B 154 -1.23 -3.91 -8.38
CA TRP B 154 -0.88 -4.72 -7.22
C TRP B 154 -1.11 -6.21 -7.53
N PRO B 155 -0.07 -6.93 -7.97
CA PRO B 155 -0.27 -8.34 -8.35
C PRO B 155 -0.65 -9.26 -7.20
N GLN B 156 -0.53 -8.83 -5.94
CA GLN B 156 -0.95 -9.65 -4.81
C GLN B 156 -2.46 -9.66 -4.59
N LEU B 157 -3.24 -8.98 -5.43
CA LEU B 157 -4.68 -8.92 -5.30
C LEU B 157 -5.35 -9.56 -6.51
N ALA B 158 -6.50 -10.17 -6.30
CA ALA B 158 -7.19 -10.91 -7.35
C ALA B 158 -8.68 -10.56 -7.37
N LEU B 159 -9.29 -10.78 -8.54
CA LEU B 159 -10.69 -10.47 -8.75
C LEU B 159 -11.58 -11.60 -8.26
N GLN B 160 -12.76 -11.25 -7.76
CA GLN B 160 -13.76 -12.21 -7.32
C GLN B 160 -15.13 -11.68 -7.72
N LEU B 161 -15.63 -12.15 -8.87
CA LEU B 161 -16.96 -11.75 -9.32
C LEU B 161 -18.01 -12.20 -8.32
N GLY B 162 -19.10 -11.44 -8.23
CA GLY B 162 -20.21 -11.82 -7.37
C GLY B 162 -21.53 -11.25 -7.85
N LYS B 163 -22.57 -11.56 -7.09
CA LYS B 163 -23.91 -11.06 -7.38
C LYS B 163 -23.98 -9.59 -7.03
N CYS B 164 -24.11 -8.74 -8.06
CA CYS B 164 -24.18 -7.29 -7.88
C CYS B 164 -22.99 -6.74 -7.10
N VAL B 165 -21.85 -7.43 -7.17
CA VAL B 165 -20.63 -6.99 -6.49
C VAL B 165 -19.42 -7.50 -7.26
N VAL B 166 -18.36 -6.70 -7.27
CA VAL B 166 -17.08 -7.07 -7.85
C VAL B 166 -16.04 -6.91 -6.73
N GLU B 167 -15.48 -8.03 -6.26
CA GLU B 167 -14.63 -8.01 -5.08
C GLU B 167 -13.16 -8.12 -5.45
N ILE B 168 -12.31 -7.60 -4.56
CA ILE B 168 -10.86 -7.63 -4.71
C ILE B 168 -10.32 -8.31 -3.46
N LYS B 169 -9.56 -9.39 -3.66
CA LYS B 169 -9.16 -10.30 -2.60
C LYS B 169 -7.68 -10.63 -2.76
N PRO B 170 -7.04 -11.13 -1.70
CA PRO B 170 -5.64 -11.58 -1.83
C PRO B 170 -5.53 -12.74 -2.81
N LYS B 171 -4.55 -12.66 -3.70
CA LYS B 171 -4.34 -13.70 -4.71
C LYS B 171 -4.03 -15.04 -4.05
N GLY B 172 -4.64 -16.10 -4.58
CA GLY B 172 -4.51 -17.43 -4.01
C GLY B 172 -5.57 -17.79 -2.98
N THR B 173 -6.51 -16.91 -2.72
CA THR B 173 -7.59 -17.13 -1.76
C THR B 173 -8.86 -17.60 -2.47
N ASN B 174 -9.45 -18.68 -1.97
CA ASN B 174 -10.70 -19.20 -2.52
C ASN B 174 -11.32 -20.17 -1.52
N LYS B 175 -12.63 -20.40 -1.67
CA LYS B 175 -13.34 -21.25 -0.74
C LYS B 175 -12.93 -22.71 -0.82
N GLY B 176 -12.31 -23.14 -1.93
CA GLY B 176 -11.87 -24.52 -2.03
C GLY B 176 -10.72 -24.86 -1.09
N GLU B 177 -9.73 -23.96 -0.98
CA GLU B 177 -8.62 -24.22 -0.05
C GLU B 177 -9.06 -24.06 1.39
N ALA B 178 -10.04 -23.18 1.66
CA ALA B 178 -10.59 -23.07 3.00
C ALA B 178 -11.23 -24.38 3.44
N ILE B 179 -12.05 -24.99 2.57
CA ILE B 179 -12.64 -26.28 2.92
C ILE B 179 -11.55 -27.34 3.03
N ALA B 180 -10.59 -27.32 2.11
CA ALA B 180 -9.47 -28.26 2.18
C ALA B 180 -8.71 -28.09 3.48
N ALA B 181 -8.53 -26.85 3.94
CA ALA B 181 -7.84 -26.63 5.22
C ALA B 181 -8.64 -27.22 6.37
N PHE B 182 -9.97 -27.10 6.33
CA PHE B 182 -10.78 -27.71 7.38
C PHE B 182 -10.72 -29.23 7.33
N MET B 183 -10.73 -29.81 6.12
CA MET B 183 -10.84 -31.25 5.96
C MET B 183 -9.62 -32.01 6.46
N GLN B 184 -8.54 -31.31 6.79
CA GLN B 184 -7.36 -31.93 7.37
C GLN B 184 -7.24 -31.72 8.88
N GLU B 185 -8.20 -31.02 9.49
CA GLU B 185 -8.23 -30.81 10.93
C GLU B 185 -9.43 -31.50 11.54
N ALA B 186 -9.28 -31.93 12.79
CA ALA B 186 -10.42 -32.43 13.55
C ALA B 186 -11.39 -31.28 13.85
N PRO B 187 -12.70 -31.58 13.91
CA PRO B 187 -13.34 -32.88 13.72
C PRO B 187 -13.76 -33.14 12.27
N PHE B 188 -13.37 -32.24 11.36
CA PHE B 188 -13.77 -32.38 9.97
C PHE B 188 -13.05 -33.54 9.29
N ALA B 189 -11.79 -33.77 9.65
CA ALA B 189 -11.00 -34.82 9.00
C ALA B 189 -11.65 -36.18 9.21
N GLY B 190 -11.70 -36.96 8.13
CA GLY B 190 -12.29 -38.28 8.16
C GLY B 190 -13.75 -38.35 7.74
N ARG B 191 -14.41 -37.22 7.53
CA ARG B 191 -15.82 -37.20 7.19
C ARG B 191 -16.01 -36.87 5.72
N ILE B 192 -17.26 -37.00 5.27
CA ILE B 192 -17.66 -36.70 3.90
C ILE B 192 -18.09 -35.24 3.84
N PRO B 193 -17.44 -34.40 3.03
CA PRO B 193 -17.78 -32.97 3.02
C PRO B 193 -19.07 -32.68 2.28
N VAL B 194 -19.89 -31.81 2.87
CA VAL B 194 -21.10 -31.27 2.24
C VAL B 194 -21.01 -29.75 2.23
N PHE B 195 -21.18 -29.15 1.05
CA PHE B 195 -21.06 -27.70 0.89
C PHE B 195 -22.25 -27.17 0.11
N VAL B 196 -22.90 -26.16 0.68
CA VAL B 196 -24.08 -25.53 0.08
C VAL B 196 -23.77 -24.04 -0.14
N GLY B 197 -23.81 -23.61 -1.41
CA GLY B 197 -23.49 -22.25 -1.77
C GLY B 197 -24.37 -21.74 -2.89
N ASP B 198 -24.21 -20.47 -3.24
CA ASP B 198 -25.10 -19.83 -4.21
C ASP B 198 -24.42 -18.95 -5.24
N ASP B 199 -23.15 -18.56 -5.07
CA ASP B 199 -22.52 -17.55 -5.91
C ASP B 199 -21.24 -18.10 -6.53
N LEU B 200 -20.58 -17.26 -7.33
CA LEU B 200 -19.41 -17.70 -8.09
C LEU B 200 -18.24 -18.06 -7.19
N THR B 201 -18.13 -17.43 -6.01
CA THR B 201 -17.07 -17.81 -5.08
C THR B 201 -17.26 -19.24 -4.59
N ASP B 202 -18.49 -19.73 -4.53
CA ASP B 202 -18.76 -21.08 -4.05
C ASP B 202 -18.41 -22.16 -5.05
N GLU B 203 -18.20 -21.80 -6.31
CA GLU B 203 -17.86 -22.80 -7.32
C GLU B 203 -16.53 -23.47 -7.00
N ALA B 204 -15.55 -22.71 -6.51
CA ALA B 204 -14.26 -23.32 -6.16
C ALA B 204 -14.45 -24.36 -5.07
N GLY B 205 -15.34 -24.11 -4.12
CA GLY B 205 -15.62 -25.12 -3.11
C GLY B 205 -16.34 -26.33 -3.67
N PHE B 206 -17.29 -26.10 -4.59
CA PHE B 206 -18.02 -27.21 -5.21
C PHE B 206 -17.06 -28.19 -5.88
N GLY B 207 -16.05 -27.67 -6.57
CA GLY B 207 -15.11 -28.55 -7.26
C GLY B 207 -14.33 -29.42 -6.28
N VAL B 208 -13.83 -28.81 -5.20
CA VAL B 208 -13.07 -29.57 -4.21
C VAL B 208 -13.94 -30.65 -3.57
N VAL B 209 -15.20 -30.33 -3.29
CA VAL B 209 -16.08 -31.29 -2.62
C VAL B 209 -16.46 -32.43 -3.57
N ASN B 210 -16.74 -32.11 -4.84
CA ASN B 210 -17.09 -33.14 -5.81
C ASN B 210 -15.96 -34.15 -5.98
N HIS B 211 -14.74 -33.66 -6.15
CA HIS B 211 -13.60 -34.54 -6.32
C HIS B 211 -13.34 -35.38 -5.08
N ALA B 212 -13.73 -34.89 -3.91
CA ALA B 212 -13.51 -35.60 -2.66
C ALA B 212 -14.54 -36.70 -2.42
N GLY B 213 -15.55 -36.84 -3.27
CA GLY B 213 -16.62 -37.77 -3.01
C GLY B 213 -17.69 -37.25 -2.07
N GLY B 214 -17.85 -35.93 -1.99
CA GLY B 214 -18.83 -35.30 -1.13
C GLY B 214 -20.06 -34.85 -1.89
N ILE B 215 -20.83 -33.97 -1.26
CA ILE B 215 -22.11 -33.50 -1.79
C ILE B 215 -22.05 -31.98 -1.90
N SER B 216 -22.14 -31.47 -3.13
CA SER B 216 -22.16 -30.04 -3.41
C SER B 216 -23.56 -29.64 -3.85
N VAL B 217 -24.08 -28.55 -3.26
CA VAL B 217 -25.45 -28.13 -3.48
C VAL B 217 -25.45 -26.65 -3.87
N LYS B 218 -25.95 -26.36 -5.07
CA LYS B 218 -26.12 -25.00 -5.56
C LYS B 218 -27.49 -24.47 -5.13
N VAL B 219 -27.53 -23.23 -4.65
CA VAL B 219 -28.78 -22.57 -4.28
C VAL B 219 -29.17 -21.59 -5.38
N GLY B 220 -30.38 -21.74 -5.91
CA GLY B 220 -30.90 -20.84 -6.91
C GLY B 220 -30.41 -21.19 -8.30
N VAL B 221 -30.60 -20.25 -9.22
CA VAL B 221 -30.39 -20.48 -10.63
C VAL B 221 -28.98 -20.03 -11.02
N GLY B 222 -28.51 -20.54 -12.14
CA GLY B 222 -27.22 -20.18 -12.71
C GLY B 222 -26.46 -21.47 -13.00
N ALA B 223 -25.58 -21.39 -13.98
CA ALA B 223 -24.72 -22.53 -14.29
C ALA B 223 -23.87 -22.86 -13.06
N THR B 224 -23.65 -24.15 -12.85
CA THR B 224 -22.94 -24.58 -11.65
C THR B 224 -22.37 -25.97 -11.89
N GLN B 225 -21.23 -26.24 -11.25
CA GLN B 225 -20.66 -27.58 -11.23
C GLN B 225 -21.19 -28.43 -10.09
N ALA B 226 -21.99 -27.86 -9.19
CA ALA B 226 -22.56 -28.64 -8.10
C ALA B 226 -23.43 -29.76 -8.65
N ALA B 227 -23.38 -30.92 -7.99
CA ALA B 227 -24.16 -32.06 -8.43
C ALA B 227 -25.65 -31.90 -8.10
N TRP B 228 -25.97 -31.08 -7.11
CA TRP B 228 -27.34 -30.93 -6.63
C TRP B 228 -27.71 -29.45 -6.59
N ARG B 229 -29.02 -29.19 -6.58
CA ARG B 229 -29.55 -27.84 -6.60
C ARG B 229 -30.79 -27.74 -5.72
N LEU B 230 -30.85 -26.65 -4.94
CA LEU B 230 -32.00 -26.26 -4.16
C LEU B 230 -32.59 -24.98 -4.73
N GLU B 231 -33.91 -24.82 -4.59
CA GLU B 231 -34.60 -23.75 -5.31
C GLU B 231 -34.30 -22.38 -4.69
N SER B 232 -34.28 -22.29 -3.37
CA SER B 232 -34.20 -20.98 -2.74
C SER B 232 -33.73 -21.13 -1.30
N VAL B 233 -33.49 -19.99 -0.66
CA VAL B 233 -33.09 -19.99 0.75
C VAL B 233 -34.12 -20.70 1.63
N PRO B 234 -35.43 -20.47 1.49
CA PRO B 234 -36.38 -21.26 2.28
C PRO B 234 -36.25 -22.76 2.06
N ASP B 235 -35.80 -23.18 0.87
CA ASP B 235 -35.59 -24.59 0.62
C ASP B 235 -34.34 -25.10 1.35
N VAL B 236 -33.35 -24.24 1.52
CA VAL B 236 -32.24 -24.57 2.42
C VAL B 236 -32.74 -24.68 3.85
N TRP B 237 -33.63 -23.76 4.25
CA TRP B 237 -34.22 -23.82 5.59
C TRP B 237 -35.00 -25.12 5.80
N ARG B 238 -35.81 -25.52 4.81
CA ARG B 238 -36.56 -26.76 4.93
C ARG B 238 -35.64 -27.96 4.93
N TRP B 239 -34.65 -27.97 4.03
CA TRP B 239 -33.70 -29.07 3.98
C TRP B 239 -32.97 -29.24 5.32
N LEU B 240 -32.61 -28.12 5.94
CA LEU B 240 -31.87 -28.16 7.21
C LEU B 240 -32.71 -28.69 8.35
N GLU B 241 -34.01 -28.40 8.36
CA GLU B 241 -34.87 -28.97 9.39
C GLU B 241 -35.18 -30.43 9.14
N GLN B 242 -35.17 -30.85 7.87
CA GLN B 242 -35.37 -32.27 7.56
C GLN B 242 -34.19 -33.12 8.01
N ILE B 243 -32.97 -32.57 8.01
CA ILE B 243 -31.84 -33.29 8.57
C ILE B 243 -32.06 -33.52 10.05
N ASN B 244 -32.63 -32.53 10.74
CA ASN B 244 -32.78 -32.54 12.19
C ASN B 244 -34.04 -33.27 12.63
N TYR B 245 -35.16 -33.07 11.92
CA TYR B 245 -36.45 -33.65 12.28
C TYR B 245 -37.06 -34.34 11.07
N PRO B 246 -36.67 -35.59 10.79
CA PRO B 246 -37.30 -36.29 9.67
C PRO B 246 -38.76 -36.66 9.97
#